data_4WTA
#
_entry.id   4WTA
#
_cell.length_a   140.620
_cell.length_b   140.620
_cell.length_c   91.000
_cell.angle_alpha   90.000
_cell.angle_beta   90.000
_cell.angle_gamma   120.000
#
_symmetry.space_group_name_H-M   'P 65'
#
loop_
_entity.id
_entity.type
_entity.pdbx_description
1 polymer 'RNA PRIMER TEMPLATE CAAAAUUU'
2 polymer 'RNA-directed RNA polymerase'
3 non-polymer 'MANGANESE (II) ION'
4 non-polymer 'CHLORIDE ION'
5 non-polymer "URIDINE-5'-DIPHOSPHATE"
6 water water
#
loop_
_entity_poly.entity_id
_entity_poly.type
_entity_poly.pdbx_seq_one_letter_code
_entity_poly.pdbx_strand_id
1 'polyribonucleotide' CAAAAUUU T,P
2 'polypeptide(L)'
;MSSMSYSWTGALITPCGPEEEKLPINPLSNSLLRYHNKVYCTTSKSASQRAKKVTFDRTQVLDAHYDSVLKDIKLAASKV
SARLLTLQQACQLTPPHSARSKYGFGAKEVRSLSGRAVNHIKSVWKDLLEDPQTPIPTTIMAKNEVFCVDPAKGGKKPAR
LIVYPDLGVRVCEKMALYDITQKLPQAVMGASYGFQYSPAQRVEYLLKAWAEKKDPMGFSYDTRHFDSTVTERDIRTEES
IYQACSLPEEARTAIHSLTERLYVGGPMFNSKGQTCGYRRCRASGVLTTSMGNTITCYVKALAACKAAGIVAPTMLVCGD
DLIVISESQGTEEDERNLRAFTEAMTRYSAPPGDPPRPEYDLELITSCSSNVSVALGPRGRRRYYLTRDPTTPLARAAWE
TVRHSPINSWLGNIIQYAPTIWVRMVLMTHFFSILMVQDTLDQNLGGVNPLDLPAIIERLHGLDAFSMHTYSHHELTRVA
SALRKLGAPPLRVWKSRARAVRASLISRGGKAAVCGRYLFNWAVKTKLKLTPLPEARLLDLSSWFTVGAGGGDIFHSVSR
ARPRLEHHHHHH
;
A
#
loop_
_chem_comp.id
_chem_comp.type
_chem_comp.name
_chem_comp.formula
A RNA linking ADENOSINE-5'-MONOPHOSPHATE 'C10 H14 N5 O7 P'
C RNA linking CYTIDINE-5'-MONOPHOSPHATE 'C9 H14 N3 O8 P'
CL non-polymer 'CHLORIDE ION' 'Cl -1'
MN non-polymer 'MANGANESE (II) ION' 'Mn 2'
U RNA linking URIDINE-5'-MONOPHOSPHATE 'C9 H13 N2 O9 P'
UDP RNA linking URIDINE-5'-DIPHOSPHATE 'C9 H14 N2 O12 P2'
#
# COMPACT_ATOMS: atom_id res chain seq x y z
N SER C 2 14.15 -14.96 22.32
CA SER C 2 15.62 -14.69 22.32
C SER C 2 16.00 -13.30 21.79
N SER C 3 15.69 -13.04 20.50
CA SER C 3 16.14 -11.82 19.80
C SER C 3 15.25 -10.61 19.99
N MET C 4 15.90 -9.50 20.30
CA MET C 4 15.25 -8.23 20.43
C MET C 4 15.18 -7.60 19.02
N SER C 5 14.06 -6.98 18.65
CA SER C 5 13.91 -6.37 17.32
C SER C 5 14.75 -5.10 17.16
N TYR C 6 14.81 -4.26 18.19
CA TYR C 6 15.71 -3.11 18.21
C TYR C 6 16.36 -2.90 19.58
N SER C 7 17.42 -2.09 19.57
CA SER C 7 18.12 -1.58 20.75
C SER C 7 18.33 -0.10 20.46
N TRP C 8 18.39 0.75 21.47
CA TRP C 8 18.41 2.19 21.22
C TRP C 8 19.42 3.00 22.04
N THR C 9 20.40 3.59 21.39
CA THR C 9 21.31 4.49 22.07
C THR C 9 20.62 5.51 22.95
N GLY C 10 19.43 5.93 22.55
CA GLY C 10 18.74 7.01 23.25
C GLY C 10 18.85 8.31 22.47
N ALA C 11 19.63 8.34 21.38
CA ALA C 11 19.63 9.48 20.48
C ALA C 11 18.24 9.68 19.86
N LEU C 12 17.87 10.93 19.61
CA LEU C 12 16.59 11.20 18.95
C LEU C 12 16.53 10.63 17.52
N ILE C 13 15.30 10.51 17.01
CA ILE C 13 15.08 10.28 15.59
C ILE C 13 14.70 11.62 14.96
N THR C 14 15.63 12.18 14.19
CA THR C 14 15.57 13.57 13.77
C THR C 14 14.87 13.77 12.43
N PRO C 15 14.36 15.00 12.19
CA PRO C 15 13.72 15.31 10.89
C PRO C 15 14.70 15.34 9.72
N CYS C 16 14.33 14.76 8.59
CA CYS C 16 15.22 14.66 7.42
C CYS C 16 14.94 15.85 6.53
N GLY C 17 14.98 17.05 7.11
CA GLY C 17 14.44 18.26 6.49
C GLY C 17 13.05 18.56 7.05
N PRO C 18 12.87 19.75 7.69
CA PRO C 18 11.71 20.06 8.54
C PRO C 18 10.33 19.98 7.86
N GLU C 19 9.35 19.55 8.67
CA GLU C 19 8.02 19.06 8.27
C GLU C 19 6.96 20.14 8.53
N GLU C 20 6.17 20.47 7.52
CA GLU C 20 5.36 21.69 7.58
C GLU C 20 4.08 21.57 8.37
N GLU C 21 3.52 22.74 8.67
CA GLU C 21 2.24 22.89 9.41
C GLU C 21 1.16 23.37 8.46
N LYS C 22 -0.09 23.04 8.74
CA LYS C 22 -1.19 23.72 8.07
C LYS C 22 -1.13 25.20 8.41
N LEU C 23 -1.93 25.98 7.68
CA LEU C 23 -1.98 27.42 7.85
C LEU C 23 -3.35 27.81 8.36
N PRO C 24 -3.53 29.07 8.77
CA PRO C 24 -4.82 29.50 9.28
C PRO C 24 -5.96 29.46 8.27
N ILE C 25 -5.63 29.51 6.99
CA ILE C 25 -6.62 29.38 5.91
C ILE C 25 -6.19 28.33 4.91
N ASN C 26 -7.09 27.39 4.62
CA ASN C 26 -6.95 26.37 3.60
C ASN C 26 -7.93 26.66 2.48
N PRO C 27 -7.50 27.44 1.49
CA PRO C 27 -8.48 27.99 0.54
C PRO C 27 -9.05 26.96 -0.43
N LEU C 28 -8.22 25.97 -0.76
CA LEU C 28 -8.63 24.88 -1.61
C LEU C 28 -9.65 23.95 -0.95
N SER C 29 -9.46 23.66 0.33
CA SER C 29 -10.31 22.67 1.00
C SER C 29 -11.23 23.17 2.11
N ASN C 30 -11.25 24.47 2.40
CA ASN C 30 -12.17 24.93 3.41
C ASN C 30 -13.65 24.99 2.98
N SER C 31 -13.94 24.65 1.73
CA SER C 31 -15.33 24.40 1.36
C SER C 31 -15.62 22.91 1.23
N LEU C 32 -14.59 22.07 1.31
CA LEU C 32 -14.76 20.61 1.34
C LEU C 32 -15.15 20.16 2.74
N LEU C 33 -14.44 20.69 3.74
CA LEU C 33 -14.71 20.30 5.13
C LEU C 33 -14.27 21.38 6.14
N ARG C 34 -14.89 21.36 7.32
CA ARG C 34 -14.69 22.37 8.34
C ARG C 34 -13.62 22.02 9.35
N TYR C 35 -13.46 20.74 9.65
CA TYR C 35 -12.66 20.34 10.81
C TYR C 35 -11.14 20.13 10.55
N HIS C 36 -10.46 21.19 10.16
CA HIS C 36 -9.06 21.09 9.78
C HIS C 36 -8.14 20.77 10.95
N ASN C 37 -8.66 20.92 12.14
CA ASN C 37 -7.91 20.64 13.36
C ASN C 37 -7.69 19.13 13.52
N LYS C 38 -8.58 18.34 12.94
CA LYS C 38 -8.46 16.91 12.95
C LYS C 38 -7.47 16.30 11.94
N VAL C 39 -7.03 17.12 10.98
CA VAL C 39 -6.18 16.65 9.91
C VAL C 39 -4.75 16.97 10.29
N TYR C 40 -3.94 15.94 10.48
CA TYR C 40 -2.56 16.08 10.96
C TYR C 40 -1.57 15.22 10.16
N CYS C 41 -0.30 15.58 10.21
CA CYS C 41 0.76 14.79 9.60
C CYS C 41 1.65 14.23 10.69
N THR C 42 1.85 12.91 10.69
CA THR C 42 2.77 12.26 11.62
C THR C 42 4.16 12.87 11.57
N THR C 43 4.70 13.22 12.73
CA THR C 43 5.99 13.91 12.84
C THR C 43 7.06 13.02 13.43
N SER C 44 8.30 13.46 13.29
CA SER C 44 9.41 12.72 13.82
C SER C 44 9.48 12.82 15.35
N LYS C 45 8.91 13.88 15.95
CA LYS C 45 8.76 13.88 17.41
C LYS C 45 8.13 12.54 17.84
N SER C 46 7.03 12.15 17.19
CA SER C 46 6.32 10.92 17.56
C SER C 46 7.06 9.61 17.31
N ALA C 47 8.22 9.68 16.66
CA ALA C 47 8.92 8.48 16.26
C ALA C 47 9.36 7.67 17.48
N SER C 48 9.80 8.40 18.51
CA SER C 48 10.08 7.82 19.84
C SER C 48 8.97 6.88 20.27
N GLN C 49 7.73 7.38 20.24
CA GLN C 49 6.59 6.59 20.66
C GLN C 49 6.43 5.35 19.77
N ARG C 50 6.68 5.48 18.47
CA ARG C 50 6.57 4.30 17.58
C ARG C 50 7.60 3.22 17.94
N ALA C 51 8.83 3.68 18.18
CA ALA C 51 9.92 2.82 18.66
C ALA C 51 9.58 1.99 19.91
N LYS C 52 9.04 2.63 20.93
CA LYS C 52 8.67 1.90 22.15
C LYS C 52 7.72 0.77 21.73
N LYS C 53 6.79 1.06 20.82
CA LYS C 53 5.79 0.08 20.46
C LYS C 53 6.37 -1.08 19.65
N VAL C 54 7.45 -0.88 18.90
CA VAL C 54 7.93 -1.94 17.97
C VAL C 54 9.15 -2.71 18.48
N THR C 55 9.76 -2.21 19.53
CA THR C 55 10.85 -2.89 20.20
C THR C 55 10.32 -3.99 21.12
N PHE C 56 10.61 -5.25 20.82
CA PHE C 56 10.10 -6.35 21.63
C PHE C 56 10.86 -7.65 21.35
N ASP C 57 10.71 -8.62 22.26
CA ASP C 57 11.42 -9.89 22.15
C ASP C 57 10.62 -10.92 21.34
N ARG C 58 11.25 -11.50 20.34
CA ARG C 58 10.59 -12.42 19.43
C ARG C 58 10.94 -13.83 19.84
N THR C 59 10.03 -14.80 19.63
CA THR C 59 10.32 -16.20 19.94
C THR C 59 9.67 -17.12 18.94
N GLN C 60 10.08 -17.01 17.70
CA GLN C 60 9.68 -17.93 16.65
C GLN C 60 9.75 -19.41 17.11
N VAL C 61 8.79 -20.24 16.69
CA VAL C 61 8.77 -21.66 16.96
C VAL C 61 8.00 -22.30 15.81
N LEU C 62 8.69 -23.08 15.00
CA LEU C 62 8.16 -23.53 13.72
C LEU C 62 7.65 -24.95 13.84
N ASP C 63 7.21 -25.57 12.76
CA ASP C 63 6.69 -26.93 12.85
C ASP C 63 6.66 -27.62 11.50
N ALA C 64 6.19 -28.86 11.47
CA ALA C 64 6.12 -29.62 10.23
C ALA C 64 5.37 -28.91 9.13
N HIS C 65 4.39 -28.08 9.51
CA HIS C 65 3.58 -27.35 8.52
C HIS C 65 4.37 -26.21 7.88
N TYR C 66 5.01 -25.40 8.72
CA TYR C 66 5.98 -24.41 8.23
C TYR C 66 6.95 -25.10 7.29
N ASP C 67 7.70 -26.08 7.83
CA ASP C 67 8.81 -26.77 7.14
C ASP C 67 8.34 -27.29 5.77
N SER C 68 7.13 -27.81 5.73
CA SER C 68 6.59 -28.41 4.51
C SER C 68 6.28 -27.37 3.44
N VAL C 69 5.69 -26.26 3.87
CA VAL C 69 5.31 -25.20 2.97
C VAL C 69 6.62 -24.63 2.40
N LEU C 70 7.56 -24.36 3.31
CA LEU C 70 8.85 -23.82 2.92
C LEU C 70 9.47 -24.65 1.82
N LYS C 71 9.46 -25.96 2.03
CA LYS C 71 9.96 -26.89 1.03
C LYS C 71 9.31 -26.61 -0.30
N ASP C 72 8.00 -26.78 -0.38
CA ASP C 72 7.25 -26.62 -1.64
C ASP C 72 7.59 -25.31 -2.33
N ILE C 73 7.87 -24.30 -1.52
CA ILE C 73 8.14 -22.98 -2.02
C ILE C 73 9.45 -22.91 -2.79
N LYS C 74 10.44 -23.69 -2.36
CA LYS C 74 11.70 -23.81 -3.08
C LYS C 74 11.57 -24.64 -4.36
N LEU C 75 10.93 -25.81 -4.30
CA LEU C 75 10.58 -26.53 -5.55
C LEU C 75 9.90 -25.58 -6.57
N ALA C 76 9.22 -24.53 -6.11
CA ALA C 76 8.73 -23.50 -7.03
C ALA C 76 9.88 -22.57 -7.46
N ALA C 77 10.67 -22.10 -6.49
CA ALA C 77 11.74 -21.16 -6.74
C ALA C 77 12.73 -21.61 -7.83
N SER C 78 13.00 -22.90 -7.85
CA SER C 78 13.97 -23.46 -8.77
C SER C 78 13.48 -23.52 -10.21
N LYS C 79 12.23 -23.21 -10.50
CA LYS C 79 11.80 -23.02 -11.91
C LYS C 79 12.19 -21.64 -12.47
N VAL C 80 12.86 -20.82 -11.67
CA VAL C 80 13.10 -19.43 -12.01
C VAL C 80 14.56 -19.29 -12.37
N SER C 81 14.82 -18.68 -13.52
CA SER C 81 16.18 -18.27 -13.80
C SER C 81 16.13 -16.76 -13.79
N ALA C 82 17.14 -16.16 -13.18
CA ALA C 82 17.17 -14.73 -12.95
C ALA C 82 18.56 -14.17 -13.20
N ARG C 83 18.61 -13.05 -13.89
CA ARG C 83 19.90 -12.48 -14.31
C ARG C 83 20.30 -11.27 -13.44
N LEU C 84 21.59 -10.92 -13.49
CA LEU C 84 22.07 -9.67 -12.87
C LEU C 84 21.58 -8.53 -13.70
N LEU C 85 21.66 -7.35 -13.13
CA LEU C 85 21.23 -6.17 -13.82
C LEU C 85 22.51 -5.37 -13.93
N THR C 86 22.77 -4.83 -15.11
CA THR C 86 23.93 -4.00 -15.31
C THR C 86 23.80 -2.81 -14.36
N LEU C 87 24.94 -2.41 -13.83
CA LEU C 87 25.05 -1.22 -13.06
C LEU C 87 24.22 -0.09 -13.66
N GLN C 88 24.16 -0.03 -14.98
CA GLN C 88 23.48 1.09 -15.63
C GLN C 88 21.99 0.93 -15.61
N GLN C 89 21.54 -0.31 -15.78
CA GLN C 89 20.10 -0.58 -15.74
C GLN C 89 19.56 -0.32 -14.34
N ALA C 90 20.29 -0.74 -13.32
CA ALA C 90 19.89 -0.51 -11.96
C ALA C 90 19.87 0.99 -11.65
N CYS C 91 20.83 1.73 -12.17
CA CYS C 91 20.88 3.18 -11.95
C CYS C 91 19.62 3.83 -12.46
N GLN C 92 19.21 3.37 -13.64
CA GLN C 92 18.07 3.89 -14.34
C GLN C 92 16.76 3.62 -13.66
N LEU C 93 16.68 2.55 -12.87
CA LEU C 93 15.49 2.28 -12.08
C LEU C 93 15.39 3.16 -10.82
N THR C 94 16.40 3.94 -10.51
CA THR C 94 16.32 4.78 -9.34
C THR C 94 15.29 5.87 -9.59
N PRO C 95 14.40 6.13 -8.61
CA PRO C 95 13.38 7.17 -8.77
C PRO C 95 13.97 8.58 -8.80
N PRO C 96 13.34 9.49 -9.55
CA PRO C 96 13.92 10.82 -9.78
C PRO C 96 14.26 11.59 -8.54
N HIS C 97 13.48 11.46 -7.47
CA HIS C 97 13.75 12.28 -6.27
C HIS C 97 14.45 11.51 -5.13
N SER C 98 14.92 10.30 -5.42
CA SER C 98 15.58 9.44 -4.44
C SER C 98 16.65 10.14 -3.61
N ALA C 99 16.62 9.93 -2.30
CA ALA C 99 17.45 10.70 -1.37
C ALA C 99 18.89 10.58 -1.75
N ARG C 100 19.59 11.71 -1.76
CA ARG C 100 20.94 11.75 -2.30
C ARG C 100 21.90 10.91 -1.46
N SER C 101 23.02 10.57 -2.07
CA SER C 101 24.07 9.84 -1.41
C SER C 101 24.84 10.72 -0.46
N LYS C 102 25.35 10.09 0.59
CA LYS C 102 26.20 10.74 1.56
C LYS C 102 27.50 11.15 0.82
N TYR C 103 27.89 10.37 -0.18
CA TYR C 103 29.14 10.59 -0.90
C TYR C 103 29.02 11.62 -2.05
N GLY C 104 28.31 12.72 -1.81
CA GLY C 104 28.30 13.88 -2.71
C GLY C 104 27.82 13.69 -4.13
N PHE C 105 26.71 12.98 -4.30
CA PHE C 105 25.95 12.99 -5.55
C PHE C 105 24.54 12.52 -5.24
N GLY C 106 23.64 12.71 -6.19
CA GLY C 106 22.22 12.40 -6.00
C GLY C 106 21.64 11.64 -7.18
N ALA C 107 20.31 11.66 -7.28
CA ALA C 107 19.59 10.83 -8.24
C ALA C 107 19.67 11.33 -9.66
N LYS C 108 19.77 12.66 -9.86
CA LYS C 108 19.98 13.19 -11.21
C LYS C 108 21.17 12.45 -11.82
N GLU C 109 22.27 12.47 -11.07
CA GLU C 109 23.56 11.92 -11.48
C GLU C 109 23.42 10.42 -11.72
N VAL C 110 22.90 9.71 -10.74
CA VAL C 110 22.74 8.28 -10.91
C VAL C 110 21.96 7.99 -12.18
N ARG C 111 20.88 8.72 -12.39
CA ARG C 111 20.01 8.39 -13.49
C ARG C 111 20.62 8.80 -14.80
N SER C 112 21.44 9.84 -14.77
CA SER C 112 22.09 10.32 -15.97
C SER C 112 23.42 9.62 -16.20
N LEU C 113 23.78 8.70 -15.31
CA LEU C 113 25.05 7.96 -15.34
C LEU C 113 26.28 8.89 -15.26
N SER C 114 26.17 9.96 -14.48
CA SER C 114 27.35 10.75 -14.19
C SER C 114 28.45 9.77 -13.77
N GLY C 115 29.68 10.09 -14.14
CA GLY C 115 30.77 9.15 -13.96
C GLY C 115 31.22 9.02 -12.53
N ARG C 116 31.05 10.08 -11.75
CA ARG C 116 31.41 10.00 -10.35
C ARG C 116 30.52 8.98 -9.64
N ALA C 117 29.22 9.07 -9.91
CA ALA C 117 28.24 8.15 -9.32
C ALA C 117 28.58 6.73 -9.72
N VAL C 118 28.73 6.51 -11.01
CA VAL C 118 29.06 5.18 -11.54
C VAL C 118 30.32 4.56 -10.94
N ASN C 119 31.34 5.37 -10.66
CA ASN C 119 32.56 4.83 -10.05
C ASN C 119 32.23 4.36 -8.69
N HIS C 120 31.74 5.28 -7.87
CA HIS C 120 31.33 4.96 -6.51
C HIS C 120 30.45 3.69 -6.42
N ILE C 121 29.53 3.54 -7.36
CA ILE C 121 28.64 2.42 -7.31
C ILE C 121 29.46 1.16 -7.58
N LYS C 122 30.39 1.24 -8.53
CA LYS C 122 31.30 0.12 -8.81
C LYS C 122 32.06 -0.29 -7.55
N SER C 123 32.59 0.71 -6.84
CA SER C 123 33.40 0.41 -5.66
C SER C 123 32.54 -0.29 -4.58
N VAL C 124 31.30 0.16 -4.39
CA VAL C 124 30.37 -0.41 -3.44
C VAL C 124 30.08 -1.86 -3.74
N TRP C 125 29.79 -2.14 -5.00
CA TRP C 125 29.52 -3.51 -5.45
C TRP C 125 30.73 -4.41 -5.31
N LYS C 126 31.91 -3.84 -5.56
CA LYS C 126 33.18 -4.53 -5.35
C LYS C 126 33.25 -4.95 -3.88
N ASP C 127 33.05 -3.98 -2.99
CA ASP C 127 33.11 -4.22 -1.56
C ASP C 127 32.10 -5.27 -1.09
N LEU C 128 30.94 -5.33 -1.74
CA LEU C 128 29.96 -6.39 -1.46
C LEU C 128 30.50 -7.78 -1.80
N LEU C 129 31.14 -7.85 -2.96
CA LEU C 129 31.73 -9.09 -3.41
C LEU C 129 32.90 -9.54 -2.51
N GLU C 130 33.68 -8.59 -1.98
CA GLU C 130 34.88 -8.94 -1.22
C GLU C 130 34.61 -9.18 0.27
N ASP C 131 33.64 -8.50 0.83
CA ASP C 131 33.40 -8.48 2.26
C ASP C 131 32.00 -9.03 2.49
N PRO C 132 31.86 -10.18 3.17
CA PRO C 132 30.50 -10.67 3.33
C PRO C 132 29.96 -10.55 4.75
N GLN C 133 30.55 -9.73 5.60
CA GLN C 133 30.00 -9.59 6.95
C GLN C 133 29.90 -8.19 7.48
N THR C 134 30.81 -7.30 7.13
CA THR C 134 30.76 -6.02 7.82
C THR C 134 29.35 -5.42 7.71
N PRO C 135 28.71 -5.20 8.86
CA PRO C 135 27.45 -4.49 8.89
C PRO C 135 27.49 -3.21 8.07
N ILE C 136 26.46 -2.98 7.25
CA ILE C 136 26.31 -1.75 6.46
C ILE C 136 25.47 -0.69 7.17
N PRO C 137 26.00 0.52 7.33
CA PRO C 137 25.19 1.49 8.06
C PRO C 137 23.92 1.88 7.29
N THR C 138 22.93 2.34 8.05
CA THR C 138 21.63 2.70 7.53
C THR C 138 21.22 3.95 8.26
N THR C 139 20.38 4.74 7.60
CA THR C 139 19.75 5.90 8.18
C THR C 139 18.36 5.49 8.63
N ILE C 140 17.94 5.95 9.80
CA ILE C 140 16.55 5.76 10.23
C ILE C 140 15.80 7.07 10.19
N MET C 141 14.55 7.01 9.73
CA MET C 141 13.70 8.20 9.64
C MET C 141 12.21 7.90 9.82
N ALA C 142 11.51 8.95 10.19
CA ALA C 142 10.10 8.91 10.41
C ALA C 142 9.37 9.19 9.11
N LYS C 143 8.34 8.43 8.83
CA LYS C 143 7.51 8.69 7.67
C LYS C 143 6.48 9.76 8.00
N ASN C 144 6.26 10.65 7.06
CA ASN C 144 5.25 11.69 7.18
C ASN C 144 4.01 11.31 6.41
N GLU C 145 2.93 11.00 7.10
CA GLU C 145 1.66 10.79 6.41
C GLU C 145 0.52 11.44 7.17
N VAL C 146 -0.51 11.77 6.41
CA VAL C 146 -1.66 12.51 6.89
C VAL C 146 -2.81 11.58 7.25
N PHE C 147 -3.40 11.79 8.42
CA PHE C 147 -4.60 11.11 8.84
C PHE C 147 -5.56 12.08 9.53
N CYS C 148 -6.77 11.61 9.78
CA CYS C 148 -7.77 12.31 10.58
C CYS C 148 -7.63 11.81 12.00
N VAL C 149 -7.60 12.69 12.99
CA VAL C 149 -7.45 12.22 14.39
C VAL C 149 -8.60 11.28 14.70
N ASP C 150 -8.32 10.23 15.46
CA ASP C 150 -9.36 9.28 15.88
C ASP C 150 -9.29 9.09 17.39
N PRO C 151 -10.16 9.81 18.15
CA PRO C 151 -10.02 9.76 19.60
C PRO C 151 -10.36 8.41 20.19
N ALA C 152 -11.10 7.58 19.46
CA ALA C 152 -11.21 6.14 19.77
C ALA C 152 -9.84 5.47 19.89
N LYS C 153 -9.02 5.54 18.84
CA LYS C 153 -7.69 4.91 18.84
C LYS C 153 -6.57 5.87 19.34
N GLY C 154 -6.87 6.69 20.36
CA GLY C 154 -5.85 7.43 21.12
C GLY C 154 -5.36 8.75 20.56
N GLY C 155 -6.06 9.31 19.59
CA GLY C 155 -5.68 10.60 19.00
C GLY C 155 -4.86 10.44 17.73
N LYS C 156 -3.55 10.64 17.85
CA LYS C 156 -2.66 10.69 16.71
C LYS C 156 -1.76 9.49 16.66
N LYS C 157 -1.77 8.77 15.53
CA LYS C 157 -0.83 7.67 15.31
C LYS C 157 0.62 8.17 15.36
N PRO C 158 1.50 7.36 15.97
CA PRO C 158 2.93 7.70 15.88
C PRO C 158 3.47 7.38 14.49
N ALA C 159 4.52 8.07 14.09
CA ALA C 159 5.14 7.85 12.78
C ALA C 159 5.75 6.48 12.61
N ARG C 160 5.48 5.90 11.46
CA ARG C 160 6.12 4.69 11.03
C ARG C 160 7.63 4.94 10.88
N LEU C 161 8.42 3.90 11.07
CA LEU C 161 9.88 3.99 10.96
C LEU C 161 10.34 3.47 9.62
N ILE C 162 11.19 4.26 8.98
CA ILE C 162 11.82 3.89 7.73
C ILE C 162 13.32 3.84 7.97
N VAL C 163 13.93 2.75 7.50
CA VAL C 163 15.34 2.48 7.70
C VAL C 163 15.88 1.99 6.39
N TYR C 164 16.91 2.67 5.89
CA TYR C 164 17.43 2.42 4.55
C TYR C 164 18.93 2.77 4.41
N PRO C 165 19.66 2.06 3.54
CA PRO C 165 21.05 2.31 3.29
C PRO C 165 21.24 3.44 2.27
N ASP C 166 22.46 3.96 2.18
CA ASP C 166 22.86 4.94 1.19
C ASP C 166 22.50 4.57 -0.24
N LEU C 167 22.37 5.60 -1.06
CA LEU C 167 21.96 5.45 -2.44
C LEU C 167 22.81 4.47 -3.27
N GLY C 168 24.13 4.50 -3.10
CA GLY C 168 25.02 3.51 -3.72
C GLY C 168 24.62 2.07 -3.42
N VAL C 169 24.21 1.83 -2.18
CA VAL C 169 23.81 0.50 -1.81
C VAL C 169 22.47 0.15 -2.45
N ARG C 170 21.57 1.14 -2.53
CA ARG C 170 20.26 0.87 -3.13
C ARG C 170 20.36 0.40 -4.55
N VAL C 171 21.34 0.95 -5.28
CA VAL C 171 21.50 0.60 -6.68
C VAL C 171 22.01 -0.80 -6.79
N CYS C 172 22.92 -1.16 -5.88
CA CYS C 172 23.52 -2.47 -5.90
C CYS C 172 22.50 -3.51 -5.62
N GLU C 173 21.69 -3.27 -4.60
CA GLU C 173 20.53 -4.12 -4.32
C GLU C 173 19.79 -4.46 -5.61
N LYS C 174 19.50 -3.42 -6.37
CA LYS C 174 18.79 -3.62 -7.62
C LYS C 174 19.53 -4.52 -8.57
N MET C 175 20.85 -4.31 -8.68
CA MET C 175 21.68 -5.14 -9.58
C MET C 175 21.48 -6.62 -9.24
N ALA C 176 21.76 -6.96 -7.99
CA ALA C 176 21.61 -8.33 -7.48
C ALA C 176 20.19 -8.89 -7.59
N LEU C 177 19.20 -8.10 -7.18
CA LEU C 177 17.87 -8.66 -6.89
C LEU C 177 16.69 -8.22 -7.72
N TYR C 178 16.76 -7.05 -8.35
CA TYR C 178 15.60 -6.58 -9.11
C TYR C 178 14.96 -7.64 -9.98
N ASP C 179 15.75 -8.33 -10.77
CA ASP C 179 15.16 -9.32 -11.66
C ASP C 179 14.41 -10.38 -10.87
N ILE C 180 14.94 -10.76 -9.72
CA ILE C 180 14.23 -11.69 -8.86
C ILE C 180 12.87 -11.13 -8.49
N THR C 181 12.84 -9.88 -8.05
CA THR C 181 11.57 -9.27 -7.62
C THR C 181 10.52 -9.33 -8.72
N GLN C 182 10.97 -9.27 -9.96
CA GLN C 182 10.09 -9.40 -11.11
C GLN C 182 9.58 -10.82 -11.37
N LYS C 183 10.24 -11.84 -10.85
CA LYS C 183 9.86 -13.21 -11.23
C LYS C 183 9.47 -14.13 -10.07
N LEU C 184 10.24 -14.05 -9.00
CA LEU C 184 10.09 -14.97 -7.89
C LEU C 184 8.70 -15.04 -7.25
N PRO C 185 8.16 -13.90 -6.78
CA PRO C 185 6.88 -13.97 -6.09
C PRO C 185 5.81 -14.67 -6.91
N GLN C 186 5.63 -14.23 -8.15
CA GLN C 186 4.63 -14.82 -9.04
C GLN C 186 4.84 -16.32 -9.18
N ALA C 187 6.09 -16.75 -9.21
CA ALA C 187 6.41 -18.14 -9.41
C ALA C 187 6.04 -18.98 -8.18
N VAL C 188 6.38 -18.44 -7.02
CA VAL C 188 6.18 -19.13 -5.77
C VAL C 188 4.71 -19.18 -5.38
N MET C 189 3.94 -18.12 -5.68
CA MET C 189 2.60 -17.95 -5.14
C MET C 189 1.50 -18.06 -6.16
N GLY C 190 1.83 -18.16 -7.42
CA GLY C 190 0.80 -18.29 -8.43
C GLY C 190 -0.26 -17.20 -8.30
N ALA C 191 -1.52 -17.61 -8.39
CA ALA C 191 -2.67 -16.70 -8.37
C ALA C 191 -2.86 -15.93 -7.04
N SER C 192 -2.27 -16.44 -5.94
CA SER C 192 -2.31 -15.78 -4.65
C SER C 192 -1.50 -14.50 -4.59
N TYR C 193 -0.61 -14.29 -5.57
CA TYR C 193 0.23 -13.11 -5.55
C TYR C 193 -0.61 -11.93 -5.91
N GLY C 194 -0.92 -11.10 -4.94
CA GLY C 194 -1.96 -10.09 -5.11
C GLY C 194 -1.53 -8.86 -5.86
N PHE C 195 -0.30 -8.42 -5.65
CA PHE C 195 0.20 -7.24 -6.35
C PHE C 195 0.13 -7.38 -7.87
N GLN C 196 -0.06 -8.59 -8.43
CA GLN C 196 -0.17 -8.77 -9.90
C GLN C 196 -1.48 -8.28 -10.55
N TYR C 197 -2.49 -7.90 -9.75
CA TYR C 197 -3.86 -7.72 -10.21
C TYR C 197 -4.29 -6.26 -10.19
N SER C 198 -5.20 -5.90 -11.08
CA SER C 198 -5.94 -4.63 -11.01
C SER C 198 -7.00 -4.70 -9.91
N PRO C 199 -7.51 -3.55 -9.47
CA PRO C 199 -8.64 -3.63 -8.55
C PRO C 199 -9.81 -4.42 -9.13
N ALA C 200 -9.96 -4.39 -10.44
CA ALA C 200 -11.06 -5.09 -11.07
C ALA C 200 -10.77 -6.56 -11.05
N GLN C 201 -9.52 -6.94 -11.21
CA GLN C 201 -9.19 -8.36 -11.09
C GLN C 201 -9.25 -8.85 -9.65
N ARG C 202 -8.82 -8.03 -8.69
CA ARG C 202 -8.99 -8.41 -7.30
C ARG C 202 -10.43 -8.73 -7.06
N VAL C 203 -11.30 -7.82 -7.48
CA VAL C 203 -12.72 -8.02 -7.28
C VAL C 203 -13.26 -9.29 -7.92
N GLU C 204 -12.90 -9.58 -9.18
CA GLU C 204 -13.43 -10.80 -9.81
C GLU C 204 -12.80 -12.05 -9.22
N TYR C 205 -11.54 -11.94 -8.79
CA TYR C 205 -10.87 -13.05 -8.18
C TYR C 205 -11.58 -13.44 -6.91
N LEU C 206 -11.93 -12.44 -6.11
CA LEU C 206 -12.60 -12.67 -4.84
C LEU C 206 -13.99 -13.24 -5.04
N LEU C 207 -14.72 -12.73 -6.01
CA LEU C 207 -16.02 -13.28 -6.34
C LEU C 207 -15.96 -14.68 -6.89
N LYS C 208 -14.97 -14.99 -7.74
CA LYS C 208 -14.82 -16.36 -8.29
C LYS C 208 -14.49 -17.30 -7.10
N ALA C 209 -13.54 -16.90 -6.26
CA ALA C 209 -13.21 -17.69 -5.09
C ALA C 209 -14.46 -17.99 -4.29
N TRP C 210 -15.31 -16.99 -4.12
CA TRP C 210 -16.50 -17.11 -3.30
C TRP C 210 -17.51 -18.05 -3.94
N ALA C 211 -17.75 -17.83 -5.23
CA ALA C 211 -18.66 -18.66 -6.00
C ALA C 211 -18.24 -20.12 -6.02
N GLU C 212 -16.95 -20.41 -5.95
CA GLU C 212 -16.47 -21.79 -6.11
C GLU C 212 -16.77 -22.69 -4.91
N LYS C 213 -16.92 -22.10 -3.73
CA LYS C 213 -17.15 -22.89 -2.53
C LYS C 213 -18.58 -23.38 -2.47
N LYS C 214 -18.81 -24.60 -1.98
CA LYS C 214 -20.20 -25.04 -1.67
C LYS C 214 -20.78 -24.08 -0.64
N ASP C 215 -19.99 -23.70 0.37
CA ASP C 215 -20.49 -22.91 1.47
C ASP C 215 -19.36 -22.07 2.05
N PRO C 216 -19.07 -20.92 1.43
CA PRO C 216 -17.86 -20.12 1.66
C PRO C 216 -17.78 -19.45 2.98
N MET C 217 -16.57 -19.38 3.53
CA MET C 217 -16.26 -18.59 4.72
C MET C 217 -15.05 -17.75 4.36
N GLY C 218 -15.01 -16.52 4.87
CA GLY C 218 -13.95 -15.61 4.48
C GLY C 218 -13.35 -14.92 5.66
N PHE C 219 -12.09 -14.56 5.59
CA PHE C 219 -11.51 -13.73 6.63
C PHE C 219 -10.25 -13.03 6.15
N SER C 220 -9.78 -12.08 6.94
CA SER C 220 -8.55 -11.38 6.61
C SER C 220 -7.65 -11.31 7.82
N TYR C 221 -6.37 -11.12 7.57
CA TYR C 221 -5.35 -11.06 8.62
C TYR C 221 -4.35 -9.99 8.28
N ASP C 222 -3.87 -9.34 9.32
CA ASP C 222 -2.80 -8.35 9.20
C ASP C 222 -1.90 -8.47 10.42
N THR C 223 -0.60 -8.40 10.20
CA THR C 223 0.35 -8.54 11.30
C THR C 223 0.63 -7.17 11.88
N ARG C 224 0.69 -7.13 13.19
CA ARG C 224 0.97 -5.94 13.96
C ARG C 224 2.45 -5.60 13.83
N HIS C 225 2.76 -4.43 13.31
CA HIS C 225 4.14 -4.01 13.20
C HIS C 225 4.91 -5.06 12.42
N PHE C 226 4.42 -5.44 11.24
CA PHE C 226 4.97 -6.62 10.59
C PHE C 226 6.47 -6.54 10.50
N ASP C 227 7.02 -5.42 10.05
CA ASP C 227 8.46 -5.39 9.85
C ASP C 227 9.25 -5.79 11.12
N SER C 228 8.84 -5.29 12.30
CA SER C 228 9.55 -5.65 13.52
C SER C 228 9.39 -7.12 13.90
N THR C 229 8.37 -7.80 13.41
CA THR C 229 8.21 -9.24 13.71
C THR C 229 9.05 -10.16 12.85
N VAL C 230 9.71 -9.63 11.82
CA VAL C 230 10.54 -10.45 10.94
C VAL C 230 11.85 -10.82 11.64
N THR C 231 12.11 -12.12 11.78
CA THR C 231 13.30 -12.57 12.50
C THR C 231 14.53 -12.69 11.60
N GLU C 232 15.70 -12.48 12.21
CA GLU C 232 16.99 -12.84 11.58
C GLU C 232 16.89 -14.13 10.76
N ARG C 233 16.34 -15.14 11.40
CA ARG C 233 16.16 -16.40 10.74
C ARG C 233 15.27 -16.30 9.50
N ASP C 234 14.16 -15.58 9.64
CA ASP C 234 13.21 -15.40 8.53
C ASP C 234 13.87 -14.87 7.28
N ILE C 235 14.77 -13.90 7.53
CA ILE C 235 15.47 -13.18 6.47
C ILE C 235 16.45 -14.11 5.78
N ARG C 236 17.24 -14.79 6.60
CA ARG C 236 18.10 -15.86 6.09
C ARG C 236 17.32 -16.88 5.28
N THR C 237 16.12 -17.22 5.74
CA THR C 237 15.25 -18.12 5.00
C THR C 237 14.80 -17.43 3.69
N GLU C 238 14.59 -16.11 3.75
CA GLU C 238 14.29 -15.35 2.52
C GLU C 238 15.46 -15.53 1.55
N GLU C 239 16.69 -15.30 2.04
CA GLU C 239 17.88 -15.52 1.21
C GLU C 239 17.84 -16.91 0.63
N SER C 240 17.64 -17.89 1.50
CA SER C 240 17.69 -19.26 1.03
C SER C 240 16.62 -19.48 -0.06
N ILE C 241 15.53 -18.73 -0.04
CA ILE C 241 14.53 -18.86 -1.10
C ILE C 241 15.04 -18.22 -2.39
N TYR C 242 15.73 -17.10 -2.27
CA TYR C 242 16.27 -16.42 -3.45
C TYR C 242 17.27 -17.30 -4.18
N GLN C 243 18.20 -17.87 -3.41
CA GLN C 243 19.28 -18.74 -3.94
C GLN C 243 18.74 -19.98 -4.62
N ALA C 244 17.52 -20.38 -4.32
CA ALA C 244 16.98 -21.54 -4.96
C ALA C 244 16.82 -21.38 -6.46
N CYS C 245 16.82 -20.15 -6.97
CA CYS C 245 16.67 -19.92 -8.43
C CYS C 245 18.03 -20.16 -9.12
N SER C 246 18.04 -20.26 -10.46
CA SER C 246 19.31 -20.25 -11.23
C SER C 246 19.87 -18.85 -11.13
N LEU C 247 21.16 -18.72 -10.79
CA LEU C 247 21.78 -17.41 -10.60
C LEU C 247 23.25 -17.36 -11.01
N PRO C 248 23.64 -16.29 -11.71
CA PRO C 248 25.04 -15.97 -11.79
C PRO C 248 25.69 -16.14 -10.44
N GLU C 249 26.86 -16.76 -10.44
CA GLU C 249 27.57 -17.00 -9.20
C GLU C 249 27.81 -15.66 -8.49
N GLU C 250 27.83 -14.60 -9.27
CA GLU C 250 28.09 -13.26 -8.76
C GLU C 250 26.91 -12.66 -7.99
N ALA C 251 25.70 -13.00 -8.44
CA ALA C 251 24.48 -12.60 -7.78
C ALA C 251 24.43 -13.20 -6.38
N ARG C 252 24.59 -14.52 -6.33
CA ARG C 252 24.65 -15.26 -5.08
C ARG C 252 25.54 -14.62 -4.05
N THR C 253 26.74 -14.26 -4.45
CA THR C 253 27.66 -13.67 -3.48
C THR C 253 27.09 -12.35 -3.00
N ALA C 254 26.53 -11.60 -3.95
CA ALA C 254 25.99 -10.26 -3.67
C ALA C 254 24.79 -10.38 -2.75
N ILE C 255 23.89 -11.26 -3.14
CA ILE C 255 22.76 -11.57 -2.30
C ILE C 255 23.20 -11.99 -0.91
N HIS C 256 24.01 -13.05 -0.81
CA HIS C 256 24.45 -13.51 0.50
C HIS C 256 25.03 -12.37 1.29
N SER C 257 25.80 -11.53 0.62
CA SER C 257 26.49 -10.43 1.29
C SER C 257 25.47 -9.39 1.82
N LEU C 258 24.53 -9.01 0.94
CA LEU C 258 23.46 -8.07 1.31
C LEU C 258 22.65 -8.59 2.48
N THR C 259 22.28 -9.87 2.39
CA THR C 259 21.58 -10.53 3.48
C THR C 259 22.27 -10.35 4.80
N GLU C 260 23.54 -10.74 4.86
CA GLU C 260 24.26 -10.76 6.14
C GLU C 260 24.63 -9.39 6.62
N ARG C 261 24.87 -8.47 5.69
CA ARG C 261 25.38 -7.14 6.08
C ARG C 261 24.30 -6.06 6.23
N LEU C 262 23.17 -6.26 5.56
CA LEU C 262 22.12 -5.24 5.50
C LEU C 262 20.78 -5.74 5.96
N TYR C 263 20.35 -6.86 5.38
CA TYR C 263 19.00 -7.35 5.57
C TYR C 263 18.70 -7.92 6.96
N VAL C 264 19.61 -8.70 7.55
CA VAL C 264 19.35 -9.24 8.90
C VAL C 264 19.55 -8.23 10.01
N GLY C 265 20.18 -7.11 9.71
CA GLY C 265 20.33 -6.13 10.76
C GLY C 265 21.45 -5.15 10.53
N GLY C 266 21.72 -4.36 11.55
CA GLY C 266 22.79 -3.38 11.45
C GLY C 266 22.52 -2.16 12.29
N PRO C 267 23.49 -1.26 12.34
CA PRO C 267 23.33 -0.02 13.06
C PRO C 267 22.50 1.02 12.30
N MET C 268 21.87 1.89 13.07
CA MET C 268 20.98 2.87 12.54
C MET C 268 21.49 4.21 12.99
N PHE C 269 21.49 5.16 12.06
CA PHE C 269 21.94 6.50 12.32
C PHE C 269 20.82 7.47 12.04
N ASN C 270 20.67 8.47 12.91
CA ASN C 270 19.65 9.47 12.71
C ASN C 270 20.17 10.48 11.71
N SER C 271 19.30 11.37 11.26
CA SER C 271 19.60 12.19 10.10
C SER C 271 20.75 13.14 10.38
N LYS C 272 21.05 13.38 11.66
CA LYS C 272 22.17 14.23 12.09
C LYS C 272 23.45 13.40 12.33
N GLY C 273 23.53 12.17 11.83
CA GLY C 273 24.76 11.38 11.95
C GLY C 273 25.04 10.60 13.25
N GLN C 274 24.25 10.80 14.30
CA GLN C 274 24.45 10.07 15.57
C GLN C 274 24.05 8.61 15.47
N THR C 275 24.68 7.74 16.27
CA THR C 275 24.27 6.34 16.32
C THR C 275 22.93 6.33 17.04
N CYS C 276 21.94 5.63 16.47
CA CYS C 276 20.58 5.69 16.99
C CYS C 276 20.15 4.41 17.67
N GLY C 277 20.57 3.28 17.11
CA GLY C 277 20.17 1.99 17.65
C GLY C 277 20.75 0.92 16.76
N TYR C 278 20.35 -0.32 16.98
CA TYR C 278 20.76 -1.44 16.15
C TYR C 278 19.52 -2.27 15.99
N ARG C 279 19.49 -3.02 14.90
CA ARG C 279 18.30 -3.54 14.30
C ARG C 279 18.47 -5.00 13.95
N ARG C 280 17.53 -5.86 14.37
CA ARG C 280 17.63 -7.29 14.11
CA ARG C 280 17.64 -7.29 14.08
C ARG C 280 16.36 -7.82 13.42
N CYS C 281 15.66 -6.92 12.73
CA CYS C 281 14.46 -7.26 11.95
C CYS C 281 14.50 -6.61 10.56
N ARG C 282 13.40 -6.74 9.82
CA ARG C 282 13.23 -6.07 8.54
C ARG C 282 13.50 -4.56 8.64
N ALA C 283 14.36 -4.07 7.75
CA ALA C 283 14.43 -2.65 7.46
C ALA C 283 13.53 -2.42 6.27
N SER C 284 12.46 -1.69 6.52
CA SER C 284 11.50 -1.30 5.51
C SER C 284 12.11 -0.10 4.82
N GLY C 285 12.45 -0.27 3.55
CA GLY C 285 13.38 0.64 2.89
C GLY C 285 14.35 -0.08 1.96
N VAL C 286 14.64 -1.34 2.26
CA VAL C 286 15.46 -2.14 1.36
C VAL C 286 14.61 -2.58 0.19
N LEU C 287 15.27 -2.95 -0.88
CA LEU C 287 14.58 -3.37 -2.08
C LEU C 287 13.72 -4.58 -1.83
N THR C 288 14.13 -5.41 -0.88
CA THR C 288 13.43 -6.67 -0.61
C THR C 288 12.23 -6.54 0.33
N THR C 289 11.94 -5.33 0.79
CA THR C 289 10.83 -5.09 1.71
C THR C 289 9.52 -5.73 1.21
N SER C 290 9.10 -5.37 0.01
CA SER C 290 7.81 -5.82 -0.47
C SER C 290 7.80 -7.29 -0.81
N MET C 291 8.81 -7.73 -1.55
CA MET C 291 8.90 -9.14 -1.95
C MET C 291 9.08 -10.01 -0.70
N GLY C 292 9.97 -9.58 0.19
CA GLY C 292 10.23 -10.29 1.44
C GLY C 292 8.96 -10.45 2.23
N ASN C 293 8.38 -9.32 2.65
CA ASN C 293 7.14 -9.31 3.40
C ASN C 293 6.10 -10.24 2.82
N THR C 294 5.88 -10.14 1.51
CA THR C 294 4.87 -10.93 0.86
C THR C 294 5.16 -12.43 0.94
N ILE C 295 6.36 -12.81 0.57
CA ILE C 295 6.76 -14.23 0.57
C ILE C 295 6.71 -14.81 1.98
N THR C 296 7.35 -14.10 2.90
CA THR C 296 7.43 -14.55 4.26
C THR C 296 6.02 -14.63 4.83
N CYS C 297 5.22 -13.60 4.62
CA CYS C 297 3.86 -13.65 5.09
C CYS C 297 3.18 -14.87 4.50
N TYR C 298 3.35 -15.09 3.20
CA TYR C 298 2.74 -16.25 2.54
C TYR C 298 3.16 -17.61 3.12
N VAL C 299 4.42 -17.76 3.54
CA VAL C 299 4.88 -19.01 4.13
C VAL C 299 4.10 -19.26 5.40
N LYS C 300 4.21 -18.30 6.30
CA LYS C 300 3.58 -18.40 7.58
C LYS C 300 2.06 -18.65 7.43
N ALA C 301 1.41 -17.91 6.55
CA ALA C 301 -0.03 -18.01 6.43
C ALA C 301 -0.46 -19.35 5.96
N LEU C 302 0.23 -19.86 4.95
CA LEU C 302 -0.20 -21.12 4.39
C LEU C 302 0.13 -22.27 5.37
N ALA C 303 1.18 -22.10 6.15
CA ALA C 303 1.49 -23.03 7.21
C ALA C 303 0.37 -22.96 8.23
N ALA C 304 0.01 -21.74 8.62
CA ALA C 304 -0.99 -21.53 9.67
C ALA C 304 -2.35 -22.07 9.22
N CYS C 305 -2.70 -21.88 7.95
CA CYS C 305 -3.92 -22.50 7.42
C CYS C 305 -3.88 -23.98 7.66
N LYS C 306 -2.76 -24.59 7.31
CA LYS C 306 -2.62 -26.04 7.44
C LYS C 306 -2.69 -26.42 8.91
N ALA C 307 -2.05 -25.67 9.78
CA ALA C 307 -2.18 -25.95 11.21
C ALA C 307 -3.63 -25.94 11.70
N ALA C 308 -4.43 -25.04 11.15
CA ALA C 308 -5.72 -24.75 11.68
C ALA C 308 -6.81 -25.52 10.96
N GLY C 309 -6.47 -26.24 9.91
CA GLY C 309 -7.47 -27.03 9.25
C GLY C 309 -8.33 -26.28 8.27
N ILE C 310 -7.85 -25.14 7.76
CA ILE C 310 -8.66 -24.35 6.85
C ILE C 310 -8.87 -25.14 5.59
N VAL C 311 -10.11 -25.40 5.23
CA VAL C 311 -10.41 -26.31 4.13
C VAL C 311 -10.50 -25.55 2.83
N ALA C 312 -9.85 -26.11 1.83
CA ALA C 312 -9.88 -25.57 0.47
C ALA C 312 -9.62 -24.05 0.43
N PRO C 313 -8.51 -23.62 1.04
CA PRO C 313 -8.25 -22.18 1.12
C PRO C 313 -7.89 -21.61 -0.22
N THR C 314 -8.39 -20.41 -0.51
CA THR C 314 -7.95 -19.59 -1.63
C THR C 314 -7.39 -18.27 -1.09
N MET C 315 -6.10 -18.05 -1.27
CA MET C 315 -5.43 -16.89 -0.64
C MET C 315 -5.23 -15.76 -1.60
N LEU C 316 -5.01 -14.60 -1.02
CA LEU C 316 -4.62 -13.44 -1.75
C LEU C 316 -3.72 -12.73 -0.78
N VAL C 317 -2.44 -12.61 -1.12
CA VAL C 317 -1.46 -11.96 -0.22
C VAL C 317 -0.87 -10.70 -0.84
N CYS C 318 -0.66 -9.69 0.00
CA CYS C 318 -0.11 -8.42 -0.43
C CYS C 318 0.70 -7.85 0.72
N GLY C 319 1.99 -8.18 0.77
CA GLY C 319 2.82 -7.82 1.91
C GLY C 319 2.32 -8.59 3.13
N ASP C 320 2.08 -7.91 4.25
CA ASP C 320 1.52 -8.59 5.43
C ASP C 320 -0.01 -8.67 5.42
N ASP C 321 -0.65 -8.44 4.29
CA ASP C 321 -2.11 -8.33 4.25
C ASP C 321 -2.61 -9.50 3.44
N LEU C 322 -3.57 -10.25 3.97
CA LEU C 322 -4.15 -11.35 3.21
C LEU C 322 -5.59 -11.67 3.51
N ILE C 323 -6.16 -12.42 2.58
CA ILE C 323 -7.55 -12.83 2.65
C ILE C 323 -7.56 -14.28 2.31
N VAL C 324 -8.25 -15.07 3.11
CA VAL C 324 -8.46 -16.44 2.77
C VAL C 324 -9.93 -16.68 2.63
N ILE C 325 -10.34 -17.26 1.52
CA ILE C 325 -11.72 -17.70 1.32
C ILE C 325 -11.79 -19.24 1.27
N SER C 326 -12.42 -19.84 2.27
CA SER C 326 -12.41 -21.29 2.46
C SER C 326 -13.81 -21.87 2.43
N GLU C 327 -13.86 -23.20 2.58
CA GLU C 327 -15.11 -23.93 2.76
C GLU C 327 -15.39 -23.88 4.22
N SER C 328 -16.52 -23.28 4.58
CA SER C 328 -16.91 -23.23 5.98
C SER C 328 -17.07 -24.65 6.48
N GLN C 329 -16.70 -24.84 7.74
CA GLN C 329 -16.91 -26.10 8.47
C GLN C 329 -17.97 -25.93 9.57
N GLY C 330 -18.89 -25.00 9.35
CA GLY C 330 -19.84 -24.59 10.37
C GLY C 330 -19.25 -23.51 11.25
N THR C 331 -20.09 -22.66 11.80
CA THR C 331 -19.56 -21.50 12.48
C THR C 331 -18.78 -21.94 13.70
N GLU C 332 -19.29 -22.93 14.42
CA GLU C 332 -18.67 -23.36 15.68
C GLU C 332 -17.18 -23.76 15.43
N GLU C 333 -16.97 -24.58 14.39
CA GLU C 333 -15.64 -25.00 13.98
C GLU C 333 -14.82 -23.84 13.38
N ASP C 334 -15.39 -23.13 12.40
CA ASP C 334 -14.75 -21.94 11.79
C ASP C 334 -14.15 -21.01 12.88
N GLU C 335 -14.88 -20.82 13.97
CA GLU C 335 -14.38 -19.95 15.02
C GLU C 335 -13.13 -20.59 15.60
N ARG C 336 -13.22 -21.88 15.89
CA ARG C 336 -12.10 -22.62 16.51
C ARG C 336 -10.85 -22.59 15.63
N ASN C 337 -11.00 -22.94 14.37
CA ASN C 337 -9.90 -22.93 13.42
C ASN C 337 -9.23 -21.57 13.27
N LEU C 338 -9.99 -20.51 13.39
CA LEU C 338 -9.40 -19.20 13.25
C LEU C 338 -8.63 -18.79 14.51
N ARG C 339 -9.07 -19.27 15.67
CA ARG C 339 -8.28 -19.09 16.89
C ARG C 339 -6.94 -19.80 16.68
N ALA C 340 -7.03 -21.02 16.12
CA ALA C 340 -5.88 -21.88 15.79
C ALA C 340 -4.92 -21.24 14.80
N PHE C 341 -5.48 -20.73 13.69
CA PHE C 341 -4.76 -19.93 12.70
C PHE C 341 -3.97 -18.84 13.40
N THR C 342 -4.61 -18.16 14.34
CA THR C 342 -3.98 -17.03 14.99
C THR C 342 -2.88 -17.46 15.96
N GLU C 343 -3.07 -18.59 16.63
CA GLU C 343 -2.04 -19.11 17.54
C GLU C 343 -0.80 -19.51 16.72
N ALA C 344 -1.02 -20.30 15.67
CA ALA C 344 0.03 -20.67 14.76
C ALA C 344 0.79 -19.45 14.24
N MET C 345 0.10 -18.45 13.74
CA MET C 345 0.79 -17.27 13.21
C MET C 345 1.57 -16.56 14.31
N THR C 346 1.05 -16.58 15.52
CA THR C 346 1.74 -15.95 16.64
C THR C 346 3.03 -16.71 17.00
N ARG C 347 2.97 -18.03 16.87
CA ARG C 347 4.13 -18.86 17.11
C ARG C 347 5.18 -18.58 16.06
N TYR C 348 4.76 -18.33 14.82
CA TYR C 348 5.70 -17.97 13.76
C TYR C 348 6.19 -16.52 13.83
N SER C 349 5.88 -15.80 14.88
CA SER C 349 6.25 -14.39 14.95
C SER C 349 5.61 -13.54 13.86
N ALA C 350 4.31 -13.71 13.68
CA ALA C 350 3.48 -12.83 12.87
C ALA C 350 2.15 -12.64 13.62
N PRO C 351 2.21 -12.02 14.80
CA PRO C 351 0.99 -11.78 15.62
C PRO C 351 0.09 -10.70 15.01
N PRO C 352 -1.22 -10.78 15.27
CA PRO C 352 -2.17 -9.89 14.60
C PRO C 352 -2.43 -8.63 15.39
N GLY C 353 -2.78 -7.57 14.67
CA GLY C 353 -3.28 -6.35 15.28
C GLY C 353 -4.60 -6.70 15.94
N ASP C 354 -5.62 -6.93 15.13
CA ASP C 354 -6.92 -7.35 15.62
C ASP C 354 -7.10 -8.80 15.33
N PRO C 355 -7.52 -9.57 16.33
CA PRO C 355 -7.64 -10.98 16.01
C PRO C 355 -8.71 -11.13 14.97
N PRO C 356 -8.50 -12.00 14.01
CA PRO C 356 -9.44 -12.18 12.93
C PRO C 356 -10.70 -12.94 13.32
N ARG C 357 -11.65 -12.98 12.39
CA ARG C 357 -12.99 -13.47 12.66
C ARG C 357 -13.54 -14.04 11.38
N PRO C 358 -14.16 -15.21 11.44
CA PRO C 358 -14.73 -15.62 10.18
C PRO C 358 -15.96 -14.80 9.84
N GLU C 359 -16.17 -14.62 8.54
CA GLU C 359 -17.26 -13.85 8.01
C GLU C 359 -17.85 -14.64 6.89
N TYR C 360 -19.13 -14.38 6.59
CA TYR C 360 -19.88 -15.11 5.56
C TYR C 360 -20.59 -14.17 4.57
N ASP C 361 -20.09 -12.93 4.48
CA ASP C 361 -20.61 -11.92 3.59
C ASP C 361 -19.43 -11.16 3.09
N LEU C 362 -19.31 -11.03 1.79
CA LEU C 362 -18.08 -10.55 1.22
C LEU C 362 -17.79 -9.10 1.60
N GLU C 363 -18.82 -8.31 1.87
CA GLU C 363 -18.65 -6.88 2.16
C GLU C 363 -17.91 -6.65 3.47
N LEU C 364 -18.09 -7.57 4.42
CA LEU C 364 -17.49 -7.43 5.78
C LEU C 364 -15.98 -7.79 5.90
N ILE C 365 -15.31 -8.11 4.81
CA ILE C 365 -13.90 -8.42 4.81
C ILE C 365 -13.09 -7.24 4.30
N THR C 366 -12.35 -6.56 5.17
CA THR C 366 -11.47 -5.47 4.74
C THR C 366 -10.02 -5.95 4.68
N SER C 367 -9.30 -5.58 3.63
CA SER C 367 -7.84 -5.81 3.53
C SER C 367 -7.16 -4.71 2.71
N CYS C 368 -5.91 -4.40 3.01
CA CYS C 368 -5.23 -3.25 2.37
C CYS C 368 -6.12 -1.99 2.44
N SER C 369 -6.71 -1.77 3.61
CA SER C 369 -7.60 -0.64 3.83
C SER C 369 -8.78 -0.49 2.84
N SER C 370 -9.20 -1.58 2.20
CA SER C 370 -10.32 -1.55 1.27
C SER C 370 -11.20 -2.81 1.27
N ASN C 371 -12.34 -2.75 0.60
CA ASN C 371 -13.25 -3.90 0.54
C ASN C 371 -14.16 -3.85 -0.64
N VAL C 372 -14.80 -4.98 -0.89
CA VAL C 372 -15.75 -5.07 -1.96
C VAL C 372 -17.12 -4.67 -1.49
N SER C 373 -17.86 -4.00 -2.35
CA SER C 373 -19.23 -3.69 -2.06
C SER C 373 -20.01 -3.89 -3.31
N VAL C 374 -21.29 -3.59 -3.21
CA VAL C 374 -22.19 -3.80 -4.30
C VAL C 374 -23.19 -2.67 -4.39
N ALA C 375 -23.49 -2.31 -5.63
CA ALA C 375 -24.62 -1.48 -5.95
C ALA C 375 -25.28 -2.00 -7.23
N LEU C 376 -26.37 -1.34 -7.63
CA LEU C 376 -27.12 -1.71 -8.82
C LEU C 376 -26.71 -0.81 -9.96
N GLY C 377 -26.63 -1.40 -11.14
CA GLY C 377 -26.24 -0.69 -12.34
C GLY C 377 -27.43 -0.19 -13.14
N PRO C 378 -27.16 0.29 -14.38
CA PRO C 378 -28.18 0.95 -15.18
C PRO C 378 -29.34 0.02 -15.49
N ARG C 379 -29.04 -1.20 -15.93
CA ARG C 379 -30.08 -2.16 -16.31
C ARG C 379 -30.67 -2.89 -15.07
N GLY C 380 -30.22 -2.58 -13.86
CA GLY C 380 -30.76 -3.21 -12.64
C GLY C 380 -29.99 -4.44 -12.13
N ARG C 381 -28.90 -4.81 -12.82
CA ARG C 381 -28.04 -5.92 -12.41
C ARG C 381 -27.11 -5.48 -11.23
N ARG C 382 -26.66 -6.43 -10.41
CA ARG C 382 -25.70 -6.15 -9.32
C ARG C 382 -24.34 -5.85 -9.89
N ARG C 383 -23.63 -4.92 -9.27
CA ARG C 383 -22.27 -4.59 -9.69
C ARG C 383 -21.41 -4.44 -8.46
N TYR C 384 -20.41 -5.31 -8.38
CA TYR C 384 -19.50 -5.32 -7.28
C TYR C 384 -18.33 -4.41 -7.64
N TYR C 385 -17.82 -3.66 -6.67
CA TYR C 385 -16.74 -2.73 -6.94
C TYR C 385 -15.93 -2.58 -5.68
N LEU C 386 -14.88 -1.78 -5.75
CA LEU C 386 -13.99 -1.68 -4.63
C LEU C 386 -14.12 -0.30 -3.99
N THR C 387 -14.08 -0.26 -2.67
CA THR C 387 -14.25 0.98 -1.93
C THR C 387 -13.53 0.90 -0.59
N ARG C 388 -13.67 1.96 0.22
CA ARG C 388 -13.00 2.08 1.51
C ARG C 388 -13.57 3.20 2.33
N ASP C 389 -13.28 3.20 3.63
CA ASP C 389 -13.61 4.34 4.46
C ASP C 389 -12.97 5.57 3.80
N PRO C 390 -13.75 6.64 3.63
CA PRO C 390 -13.25 7.86 3.02
C PRO C 390 -12.50 8.77 3.94
N THR C 391 -12.45 8.40 5.21
CA THR C 391 -11.88 9.30 6.21
C THR C 391 -10.51 9.81 5.80
N THR C 392 -9.59 8.89 5.55
CA THR C 392 -8.24 9.27 5.22
C THR C 392 -8.17 10.05 3.90
N PRO C 393 -8.84 9.56 2.86
CA PRO C 393 -8.81 10.34 1.63
C PRO C 393 -9.28 11.78 1.81
N LEU C 394 -10.35 11.99 2.58
CA LEU C 394 -10.86 13.32 2.80
C LEU C 394 -9.89 14.09 3.66
N ALA C 395 -9.38 13.49 4.72
CA ALA C 395 -8.30 14.14 5.46
C ALA C 395 -7.20 14.64 4.54
N ARG C 396 -6.65 13.75 3.73
CA ARG C 396 -5.59 14.10 2.79
C ARG C 396 -6.03 15.13 1.78
N ALA C 397 -7.28 15.07 1.35
CA ALA C 397 -7.84 16.10 0.50
C ALA C 397 -7.77 17.50 1.10
N ALA C 398 -7.53 17.59 2.42
CA ALA C 398 -7.48 18.86 3.12
C ALA C 398 -6.12 19.16 3.65
N TRP C 399 -5.12 18.49 3.10
CA TRP C 399 -3.75 18.75 3.49
C TRP C 399 -3.15 19.79 2.55
N GLU C 400 -3.20 21.06 2.97
CA GLU C 400 -2.66 22.21 2.21
C GLU C 400 -1.59 22.86 3.01
N THR C 401 -0.40 22.94 2.45
CA THR C 401 0.71 23.67 3.06
C THR C 401 1.43 24.45 1.98
N VAL C 402 2.45 25.17 2.39
CA VAL C 402 3.23 26.00 1.48
C VAL C 402 3.83 25.10 0.40
N ARG C 403 4.39 23.98 0.79
CA ARG C 403 5.05 23.09 -0.13
C ARG C 403 4.07 22.13 -0.84
N HIS C 404 2.83 21.98 -0.37
CA HIS C 404 1.95 20.90 -0.88
C HIS C 404 0.53 21.32 -1.25
N SER C 405 0.08 20.90 -2.43
CA SER C 405 -1.31 21.05 -2.83
C SER C 405 -1.93 19.66 -2.84
N PRO C 406 -3.21 19.56 -2.47
CA PRO C 406 -3.91 18.28 -2.43
C PRO C 406 -4.69 17.90 -3.66
N ILE C 407 -4.72 18.78 -4.67
CA ILE C 407 -5.54 18.57 -5.86
C ILE C 407 -5.19 17.26 -6.55
N ASN C 408 -3.93 16.88 -6.51
CA ASN C 408 -3.51 15.61 -7.09
C ASN C 408 -4.19 14.44 -6.40
N SER C 409 -4.20 14.45 -5.06
CA SER C 409 -4.93 13.44 -4.27
C SER C 409 -6.39 13.37 -4.73
N TRP C 410 -7.04 14.50 -4.91
CA TRP C 410 -8.44 14.49 -5.30
C TRP C 410 -8.61 13.67 -6.57
N LEU C 411 -7.76 13.97 -7.53
CA LEU C 411 -7.77 13.28 -8.81
C LEU C 411 -7.45 11.83 -8.64
N GLY C 412 -6.35 11.54 -7.98
CA GLY C 412 -5.98 10.18 -7.72
C GLY C 412 -7.09 9.30 -7.18
N ASN C 413 -7.86 9.83 -6.24
CA ASN C 413 -8.95 9.08 -5.62
C ASN C 413 -10.17 9.10 -6.56
N ILE C 414 -10.39 10.21 -7.23
CA ILE C 414 -11.47 10.23 -8.20
C ILE C 414 -11.35 9.08 -9.20
N ILE C 415 -10.13 8.81 -9.66
CA ILE C 415 -9.90 7.78 -10.69
C ILE C 415 -9.99 6.40 -10.09
N GLN C 416 -9.13 6.15 -9.12
CA GLN C 416 -9.10 4.85 -8.49
C GLN C 416 -10.45 4.43 -7.90
N TYR C 417 -11.21 5.38 -7.35
CA TYR C 417 -12.51 5.04 -6.74
C TYR C 417 -13.75 5.68 -7.38
N ALA C 418 -13.68 5.94 -8.68
CA ALA C 418 -14.80 6.54 -9.44
C ALA C 418 -16.20 5.93 -9.26
N PRO C 419 -16.28 4.61 -9.01
CA PRO C 419 -17.65 4.12 -8.84
C PRO C 419 -18.21 4.35 -7.45
N THR C 420 -17.39 4.79 -6.51
CA THR C 420 -17.85 4.94 -5.15
C THR C 420 -18.80 6.12 -5.02
N ILE C 421 -19.76 6.00 -4.11
CA ILE C 421 -20.68 7.07 -3.89
C ILE C 421 -20.00 8.31 -3.33
N TRP C 422 -18.92 8.12 -2.58
CA TRP C 422 -18.16 9.25 -2.02
C TRP C 422 -17.28 9.98 -3.02
N VAL C 423 -16.82 9.31 -4.05
CA VAL C 423 -16.04 9.99 -5.09
C VAL C 423 -16.98 10.73 -6.00
N ARG C 424 -18.11 10.11 -6.33
CA ARG C 424 -18.97 10.69 -7.34
C ARG C 424 -19.69 11.91 -6.81
N MET C 425 -20.13 11.84 -5.57
CA MET C 425 -20.89 12.95 -4.99
C MET C 425 -19.98 14.00 -4.34
N VAL C 426 -18.93 13.54 -3.66
CA VAL C 426 -18.11 14.47 -2.93
C VAL C 426 -16.84 14.91 -3.69
N LEU C 427 -15.88 14.03 -3.90
CA LEU C 427 -14.66 14.49 -4.55
C LEU C 427 -14.87 15.07 -5.95
N MET C 428 -15.60 14.38 -6.81
CA MET C 428 -15.80 14.90 -8.16
C MET C 428 -16.35 16.33 -8.11
N THR C 429 -17.45 16.49 -7.39
CA THR C 429 -18.10 17.77 -7.27
C THR C 429 -17.13 18.86 -6.88
N HIS C 430 -16.38 18.63 -5.81
CA HIS C 430 -15.44 19.61 -5.29
C HIS C 430 -14.36 19.90 -6.30
N PHE C 431 -13.73 18.83 -6.79
CA PHE C 431 -12.67 18.92 -7.80
C PHE C 431 -13.08 19.77 -8.98
N PHE C 432 -14.19 19.43 -9.58
CA PHE C 432 -14.66 20.17 -10.71
C PHE C 432 -15.04 21.56 -10.31
N SER C 433 -15.78 21.73 -9.21
CA SER C 433 -16.12 23.06 -8.77
C SER C 433 -14.87 23.94 -8.66
N ILE C 434 -13.78 23.38 -8.15
CA ILE C 434 -12.57 24.17 -7.94
C ILE C 434 -11.96 24.66 -9.24
N LEU C 435 -11.77 23.72 -10.17
CA LEU C 435 -11.05 24.02 -11.39
C LEU C 435 -11.84 24.98 -12.29
N MET C 436 -13.16 24.81 -12.35
CA MET C 436 -14.00 25.71 -13.12
C MET C 436 -13.76 27.14 -12.67
N VAL C 437 -13.80 27.35 -11.36
CA VAL C 437 -13.56 28.67 -10.74
C VAL C 437 -12.10 29.16 -10.98
N GLN C 438 -11.09 28.32 -10.72
CA GLN C 438 -9.72 28.66 -11.11
C GLN C 438 -9.64 28.88 -12.62
N ASP C 439 -10.54 28.27 -13.39
CA ASP C 439 -10.50 28.28 -14.86
C ASP C 439 -9.21 27.59 -15.34
N THR C 440 -9.10 26.30 -14.99
CA THR C 440 -7.92 25.50 -15.27
C THR C 440 -8.31 24.04 -15.57
N LEU C 441 -9.46 23.87 -16.22
CA LEU C 441 -9.87 22.55 -16.69
C LEU C 441 -8.80 22.01 -17.66
N ASP C 442 -8.49 22.78 -18.71
CA ASP C 442 -7.35 22.50 -19.57
C ASP C 442 -6.12 21.93 -18.81
N GLN C 443 -5.71 22.59 -17.72
CA GLN C 443 -4.48 22.22 -16.97
C GLN C 443 -4.27 20.73 -16.76
N ASN C 444 -3.03 20.27 -16.90
CA ASN C 444 -2.69 18.88 -16.61
C ASN C 444 -2.21 18.72 -15.20
N LEU C 445 -2.65 17.67 -14.52
CA LEU C 445 -2.24 17.41 -13.15
C LEU C 445 -1.70 16.00 -13.02
N GLY C 446 -0.47 15.89 -12.52
CA GLY C 446 0.22 14.61 -12.49
C GLY C 446 0.15 13.92 -13.84
N GLY C 447 0.29 14.71 -14.91
CA GLY C 447 0.10 14.22 -16.26
C GLY C 447 -1.19 13.42 -16.46
N VAL C 448 -2.32 14.06 -16.15
CA VAL C 448 -3.65 13.56 -16.53
C VAL C 448 -4.51 14.79 -16.81
N ASN C 449 -5.43 14.70 -17.77
CA ASN C 449 -6.29 15.84 -18.04
C ASN C 449 -7.72 15.69 -17.55
N PRO C 450 -8.11 16.56 -16.63
CA PRO C 450 -9.44 16.61 -16.10
C PRO C 450 -10.51 16.24 -17.09
N LEU C 451 -10.39 16.74 -18.32
CA LEU C 451 -11.46 16.61 -19.31
C LEU C 451 -11.48 15.24 -20.01
N ASP C 452 -10.39 14.48 -19.85
CA ASP C 452 -10.33 13.08 -20.26
C ASP C 452 -11.10 12.13 -19.34
N LEU C 453 -11.38 12.56 -18.10
CA LEU C 453 -11.82 11.64 -17.05
C LEU C 453 -12.88 10.68 -17.53
N PRO C 454 -13.94 11.17 -18.14
CA PRO C 454 -14.95 10.21 -18.56
C PRO C 454 -14.33 9.00 -19.28
N ALA C 455 -13.47 9.26 -20.26
CA ALA C 455 -12.78 8.18 -20.97
C ALA C 455 -12.01 7.33 -20.01
N ILE C 456 -11.14 7.99 -19.26
CA ILE C 456 -10.19 7.33 -18.35
C ILE C 456 -10.90 6.42 -17.37
N ILE C 457 -12.01 6.94 -16.85
CA ILE C 457 -12.90 6.19 -15.98
C ILE C 457 -13.57 5.05 -16.71
N GLU C 458 -14.15 5.32 -17.89
CA GLU C 458 -14.70 4.22 -18.72
C GLU C 458 -13.69 3.11 -19.00
N ARG C 459 -12.48 3.45 -19.47
CA ARG C 459 -11.45 2.44 -19.74
C ARG C 459 -11.26 1.57 -18.50
N LEU C 460 -11.33 2.18 -17.32
CA LEU C 460 -10.91 1.53 -16.10
C LEU C 460 -12.02 0.82 -15.33
N HIS C 461 -13.23 1.37 -15.30
CA HIS C 461 -14.28 0.82 -14.46
C HIS C 461 -15.51 0.40 -15.24
N GLY C 462 -15.46 0.52 -16.55
CA GLY C 462 -16.66 0.33 -17.34
C GLY C 462 -17.65 1.48 -17.24
N LEU C 463 -18.49 1.58 -18.26
CA LEU C 463 -19.51 2.59 -18.35
C LEU C 463 -20.47 2.59 -17.16
N ASP C 464 -20.57 1.46 -16.47
CA ASP C 464 -21.48 1.34 -15.33
C ASP C 464 -21.18 2.29 -14.16
N ALA C 465 -19.92 2.73 -14.06
CA ALA C 465 -19.50 3.69 -13.06
C ALA C 465 -20.19 5.07 -13.13
N PHE C 466 -20.88 5.35 -14.25
CA PHE C 466 -21.66 6.58 -14.41
C PHE C 466 -23.13 6.40 -14.14
N SER C 467 -23.59 5.16 -13.90
CA SER C 467 -25.03 4.90 -13.74
C SER C 467 -25.39 4.11 -12.48
N MET C 468 -24.47 3.97 -11.57
CA MET C 468 -24.70 3.09 -10.45
C MET C 468 -25.55 3.77 -9.40
N HIS C 469 -26.40 3.00 -8.75
CA HIS C 469 -27.29 3.54 -7.76
C HIS C 469 -27.61 2.44 -6.72
N THR C 470 -28.36 2.83 -5.69
CA THR C 470 -28.81 1.93 -4.63
C THR C 470 -27.59 1.36 -3.96
N TYR C 471 -26.76 2.26 -3.45
CA TYR C 471 -25.57 1.87 -2.74
C TYR C 471 -25.92 1.18 -1.40
N SER C 472 -25.03 0.37 -0.86
CA SER C 472 -25.32 -0.44 0.32
C SER C 472 -25.47 0.38 1.62
N HIS C 473 -26.13 -0.22 2.60
CA HIS C 473 -26.26 0.39 3.92
C HIS C 473 -24.90 0.74 4.52
N HIS C 474 -24.01 -0.25 4.62
CA HIS C 474 -22.65 -0.02 5.12
C HIS C 474 -22.02 1.16 4.45
N GLU C 475 -22.12 1.19 3.15
CA GLU C 475 -21.42 2.19 2.41
C GLU C 475 -22.03 3.56 2.64
N LEU C 476 -23.37 3.65 2.63
CA LEU C 476 -24.02 4.92 2.96
C LEU C 476 -23.75 5.33 4.41
N THR C 477 -23.80 4.37 5.31
CA THR C 477 -23.57 4.68 6.71
C THR C 477 -22.19 5.27 6.90
N ARG C 478 -21.19 4.62 6.31
CA ARG C 478 -19.78 4.99 6.50
C ARG C 478 -19.44 6.36 5.88
N VAL C 479 -20.04 6.64 4.74
CA VAL C 479 -19.79 7.90 4.07
C VAL C 479 -20.43 9.04 4.84
N ALA C 480 -21.69 8.86 5.22
CA ALA C 480 -22.41 9.83 6.03
C ALA C 480 -21.58 10.13 7.24
N SER C 481 -21.13 9.08 7.88
CA SER C 481 -20.47 9.23 9.15
C SER C 481 -19.11 9.89 8.96
N ALA C 482 -18.38 9.56 7.89
CA ALA C 482 -17.08 10.20 7.64
C ALA C 482 -17.16 11.70 7.32
N LEU C 483 -18.24 12.12 6.68
CA LEU C 483 -18.42 13.54 6.38
C LEU C 483 -18.74 14.34 7.64
N ARG C 484 -19.59 13.75 8.49
CA ARG C 484 -19.94 14.30 9.80
C ARG C 484 -18.66 14.46 10.66
N LYS C 485 -17.86 13.41 10.71
CA LYS C 485 -16.59 13.42 11.42
C LYS C 485 -15.63 14.53 10.97
N LEU C 486 -15.53 14.80 9.67
CA LEU C 486 -14.62 15.85 9.20
C LEU C 486 -15.30 17.22 9.00
N GLY C 487 -16.58 17.33 9.31
CA GLY C 487 -17.24 18.62 9.28
C GLY C 487 -17.56 19.05 7.89
N ALA C 488 -17.80 18.06 7.03
CA ALA C 488 -18.13 18.32 5.64
C ALA C 488 -19.63 18.41 5.48
N PRO C 489 -20.09 19.01 4.37
CA PRO C 489 -21.51 19.00 4.14
C PRO C 489 -21.98 17.60 4.01
N PRO C 490 -23.25 17.37 4.38
CA PRO C 490 -23.85 16.07 4.14
C PRO C 490 -24.19 15.90 2.66
N LEU C 491 -24.52 14.68 2.30
CA LEU C 491 -24.68 14.33 0.90
C LEU C 491 -25.72 15.18 0.20
N ARG C 492 -26.87 15.43 0.85
CA ARG C 492 -27.90 16.28 0.26
C ARG C 492 -27.32 17.58 -0.29
N VAL C 493 -26.40 18.17 0.46
CA VAL C 493 -25.76 19.40 0.00
C VAL C 493 -24.93 19.16 -1.26
N TRP C 494 -24.21 18.06 -1.31
CA TRP C 494 -23.42 17.76 -2.50
C TRP C 494 -24.33 17.50 -3.72
N LYS C 495 -25.50 16.88 -3.51
CA LYS C 495 -26.51 16.76 -4.59
C LYS C 495 -26.70 18.17 -5.19
N SER C 496 -26.97 19.20 -4.36
CA SER C 496 -27.11 20.59 -4.87
C SER C 496 -25.90 21.04 -5.64
N ARG C 497 -24.75 21.06 -4.98
CA ARG C 497 -23.52 21.58 -5.60
C ARG C 497 -23.20 20.89 -6.94
N ALA C 498 -23.47 19.60 -7.02
CA ALA C 498 -23.23 18.83 -8.24
C ALA C 498 -24.08 19.33 -9.39
N ARG C 499 -25.35 19.51 -9.09
CA ARG C 499 -26.32 19.96 -10.05
C ARG C 499 -25.90 21.30 -10.62
N ALA C 500 -25.39 22.19 -9.77
CA ALA C 500 -24.86 23.49 -10.19
C ALA C 500 -23.63 23.31 -11.07
N VAL C 501 -22.68 22.53 -10.58
CA VAL C 501 -21.45 22.23 -11.32
C VAL C 501 -21.80 21.64 -12.66
N ARG C 502 -22.82 20.78 -12.65
CA ARG C 502 -23.19 20.04 -13.84
C ARG C 502 -23.64 20.97 -14.94
N ALA C 503 -24.62 21.82 -14.61
CA ALA C 503 -25.18 22.83 -15.53
C ALA C 503 -24.11 23.78 -15.99
N SER C 504 -23.28 24.22 -15.06
CA SER C 504 -22.16 25.04 -15.40
C SER C 504 -21.21 24.31 -16.38
N LEU C 505 -20.87 23.07 -16.12
CA LEU C 505 -20.01 22.30 -17.04
C LEU C 505 -20.63 22.12 -18.43
N ILE C 506 -21.96 21.97 -18.46
CA ILE C 506 -22.71 21.66 -19.68
C ILE C 506 -22.80 22.89 -20.57
N SER C 507 -23.23 24.01 -19.98
CA SER C 507 -23.22 25.29 -20.67
C SER C 507 -21.87 25.56 -21.36
N ARG C 508 -20.76 25.21 -20.74
CA ARG C 508 -19.45 25.48 -21.35
C ARG C 508 -19.17 24.68 -22.63
N GLY C 509 -19.91 23.59 -22.85
CA GLY C 509 -19.78 22.80 -24.07
C GLY C 509 -18.39 22.19 -24.27
N GLY C 510 -18.25 21.36 -25.29
CA GLY C 510 -16.98 20.70 -25.55
C GLY C 510 -16.82 19.53 -24.62
N LYS C 511 -15.57 19.17 -24.32
CA LYS C 511 -15.29 18.02 -23.48
C LYS C 511 -15.85 18.27 -22.08
N ALA C 512 -15.83 19.54 -21.67
CA ALA C 512 -16.40 19.96 -20.39
C ALA C 512 -17.82 19.48 -20.21
N ALA C 513 -18.63 19.59 -21.25
CA ALA C 513 -20.02 19.23 -21.13
C ALA C 513 -20.17 17.72 -21.15
N VAL C 514 -19.19 17.01 -21.68
CA VAL C 514 -19.22 15.56 -21.65
C VAL C 514 -19.05 15.18 -20.19
N CYS C 515 -17.97 15.68 -19.58
CA CYS C 515 -17.74 15.53 -18.15
C CYS C 515 -19.02 15.83 -17.38
N GLY C 516 -19.60 16.99 -17.66
CA GLY C 516 -20.81 17.38 -16.98
C GLY C 516 -21.91 16.34 -17.10
N ARG C 517 -22.00 15.73 -18.27
CA ARG C 517 -23.16 14.92 -18.60
C ARG C 517 -23.01 13.50 -18.08
N TYR C 518 -21.81 12.95 -18.25
CA TYR C 518 -21.45 11.60 -17.80
C TYR C 518 -21.15 11.54 -16.29
N LEU C 519 -20.21 12.36 -15.84
CA LEU C 519 -19.79 12.30 -14.45
C LEU C 519 -20.92 12.65 -13.51
N PHE C 520 -21.87 13.48 -13.93
CA PHE C 520 -22.88 13.97 -12.98
C PHE C 520 -24.34 13.57 -13.25
N ASN C 521 -24.52 12.55 -14.08
CA ASN C 521 -25.88 12.12 -14.38
C ASN C 521 -26.62 11.63 -13.15
N TRP C 522 -25.89 11.23 -12.13
CA TRP C 522 -26.53 10.88 -10.88
C TRP C 522 -27.25 12.09 -10.31
N ALA C 523 -26.81 13.30 -10.66
CA ALA C 523 -27.34 14.49 -10.01
C ALA C 523 -28.71 14.90 -10.50
N VAL C 524 -29.11 14.47 -11.69
CA VAL C 524 -30.33 14.99 -12.32
C VAL C 524 -31.52 14.03 -12.27
N LYS C 525 -32.71 14.65 -12.21
CA LYS C 525 -33.99 13.95 -12.02
C LYS C 525 -34.37 13.17 -13.28
N THR C 526 -34.28 13.80 -14.44
CA THR C 526 -34.45 13.08 -15.70
C THR C 526 -33.04 12.73 -16.17
N LYS C 527 -32.65 11.46 -16.00
CA LYS C 527 -31.30 10.98 -16.35
C LYS C 527 -31.02 11.18 -17.85
N LEU C 528 -30.03 10.48 -18.42
CA LEU C 528 -29.71 10.57 -19.86
C LEU C 528 -29.32 9.19 -20.41
N LYS C 529 -29.26 9.08 -21.74
CA LYS C 529 -28.85 7.85 -22.39
C LYS C 529 -27.34 7.89 -22.71
N LEU C 530 -26.51 7.60 -21.70
CA LEU C 530 -25.04 7.68 -21.85
C LEU C 530 -24.53 6.48 -22.63
N THR C 531 -23.77 6.74 -23.68
CA THR C 531 -23.28 5.70 -24.62
C THR C 531 -21.75 5.57 -24.56
N PRO C 532 -21.19 4.44 -25.05
CA PRO C 532 -19.73 4.31 -24.99
C PRO C 532 -18.93 5.47 -25.62
N LEU C 533 -17.69 5.60 -25.17
CA LEU C 533 -16.91 6.77 -25.52
C LEU C 533 -15.82 6.36 -26.50
N PRO C 534 -15.86 6.94 -27.73
CA PRO C 534 -14.87 6.63 -28.76
C PRO C 534 -13.48 6.27 -28.20
N GLU C 535 -13.00 7.08 -27.24
CA GLU C 535 -11.62 7.00 -26.77
C GLU C 535 -11.26 5.71 -26.01
N ALA C 536 -12.11 5.28 -25.08
CA ALA C 536 -11.83 4.07 -24.30
C ALA C 536 -12.38 2.80 -24.98
MN MN D . -0.84 -4.28 6.56
MN MN E . 0.45 -4.91 9.58
MN MN F . 24.05 -17.55 1.41
CL CL G . -26.98 -3.21 -14.96
N1 UDP H . 5.47 -0.93 4.72
C2 UDP H . 6.47 -0.10 4.12
N3 UDP H . 6.24 1.19 3.87
C4 UDP H . 5.05 1.74 4.17
C5 UDP H . 4.04 0.96 4.77
C6 UDP H . 4.28 -0.39 5.05
O2 UDP H . 7.58 -0.55 3.82
O4 UDP H . 4.89 2.95 3.92
C1' UDP H . 5.80 -2.31 5.01
C2' UDP H . 6.41 -2.30 6.40
O2' UDP H . 7.53 -3.21 6.50
C3' UDP H . 5.27 -2.69 7.29
C4' UDP H . 4.53 -3.68 6.41
O4' UDP H . 4.66 -3.15 5.09
O3' UDP H . 5.69 -3.23 8.53
C5' UDP H . 3.07 -3.92 6.80
O5' UDP H . 2.32 -2.70 6.69
PA UDP H . 1.13 -2.31 7.71
O1A UDP H . 0.44 -3.58 8.16
O2A UDP H . 0.35 -1.33 6.91
O3A UDP H . 1.92 -1.61 8.94
PB UDP H . 2.63 -2.42 10.18
O1B UDP H . 2.19 -3.87 10.07
O2B UDP H . 2.22 -1.59 11.41
O3B UDP H . 4.13 -2.28 10.04
#